data_4JOL
#
_entry.id   4JOL
#
_cell.length_a   139.485
_cell.length_b   139.485
_cell.length_c   43.169
_cell.angle_alpha   90.00
_cell.angle_beta   90.00
_cell.angle_gamma   120.00
#
_symmetry.space_group_name_H-M   'P 32'
#
loop_
_entity.id
_entity.type
_entity.pdbx_description
1 polymer 'Protein CBFA2T1'
2 polymer 'Transcription factor 12'
#
loop_
_entity_poly.entity_id
_entity_poly.type
_entity_poly.pdbx_seq_one_letter_code
_entity_poly.pdbx_strand_id
1 'polypeptide(L)' SEEMIDHRLTDREWAEEWKHLDHLLNCIMDMVEKTRRSLTVLRRCQEADREELNYWIRRYSDAE A,B,C,D
2 'polypeptide(L)' SPLQAKKVRKVPPGLPSSVYAPSPN E,F,G,H
#
# COMPACT_ATOMS: atom_id res chain seq x y z
N ILE A 5 15.76 25.64 4.29
CA ILE A 5 15.49 26.76 3.39
C ILE A 5 16.04 26.58 1.96
N ASP A 6 17.26 26.08 1.80
CA ASP A 6 17.76 25.88 0.43
C ASP A 6 17.44 24.47 -0.07
N HIS A 7 16.50 24.43 -1.01
CA HIS A 7 16.00 23.17 -1.54
C HIS A 7 16.68 22.71 -2.84
N ARG A 8 17.79 23.34 -3.23
CA ARG A 8 18.44 22.87 -4.45
C ARG A 8 19.30 21.66 -4.09
N LEU A 9 18.93 20.49 -4.61
CA LEU A 9 19.72 19.27 -4.45
C LEU A 9 20.83 19.15 -5.47
N THR A 10 21.85 18.37 -5.16
CA THR A 10 22.86 18.07 -6.15
C THR A 10 22.38 16.85 -6.92
N ASP A 11 23.12 16.51 -7.96
CA ASP A 11 22.81 15.33 -8.75
C ASP A 11 22.84 14.10 -7.85
N ARG A 12 23.93 13.93 -7.12
CA ARG A 12 24.04 12.84 -6.17
C ARG A 12 22.79 12.79 -5.29
N GLU A 13 22.45 13.91 -4.67
CA GLU A 13 21.34 13.89 -3.73
C GLU A 13 20.04 13.47 -4.41
N TRP A 14 19.79 13.97 -5.62
CA TRP A 14 18.58 13.62 -6.38
C TRP A 14 18.49 12.11 -6.55
N ALA A 15 19.54 11.54 -7.15
CA ALA A 15 19.58 10.11 -7.37
C ALA A 15 19.22 9.35 -6.10
N GLU A 16 19.69 9.82 -4.94
CA GLU A 16 19.40 9.15 -3.68
C GLU A 16 17.92 9.17 -3.39
N GLU A 17 17.31 10.33 -3.58
CA GLU A 17 15.89 10.48 -3.30
C GLU A 17 15.02 9.59 -4.21
N TRP A 18 15.33 9.56 -5.50
CA TRP A 18 14.58 8.72 -6.41
C TRP A 18 14.72 7.27 -5.98
N LYS A 19 15.97 6.88 -5.76
CA LYS A 19 16.31 5.52 -5.36
C LYS A 19 15.61 5.13 -4.07
N HIS A 20 15.52 6.06 -3.13
CA HIS A 20 14.86 5.77 -1.86
C HIS A 20 13.33 5.69 -2.00
N LEU A 21 12.75 6.58 -2.80
CA LEU A 21 11.34 6.48 -3.13
C LEU A 21 11.02 5.09 -3.65
N ASP A 22 11.91 4.58 -4.49
CA ASP A 22 11.69 3.29 -5.10
C ASP A 22 11.71 2.24 -4.03
N HIS A 23 12.69 2.34 -3.14
CA HIS A 23 12.82 1.38 -2.06
C HIS A 23 11.61 1.38 -1.16
N LEU A 24 11.17 2.56 -0.75
CA LEU A 24 9.96 2.66 0.05
C LEU A 24 8.84 1.93 -0.67
N LEU A 25 8.59 2.29 -1.92
CA LEU A 25 7.49 1.68 -2.66
C LEU A 25 7.62 0.16 -2.73
N ASN A 26 8.84 -0.35 -2.84
CA ASN A 26 9.05 -1.80 -2.83
C ASN A 26 8.79 -2.42 -1.47
N CYS A 27 9.25 -1.79 -0.39
CA CYS A 27 8.90 -2.26 0.93
C CYS A 27 7.38 -2.41 1.06
N ILE A 28 6.64 -1.42 0.58
CA ILE A 28 5.19 -1.50 0.57
C ILE A 28 4.68 -2.72 -0.20
N MET A 29 5.13 -2.88 -1.44
CA MET A 29 4.78 -4.06 -2.27
C MET A 29 5.01 -5.35 -1.48
N ASP A 30 6.15 -5.39 -0.81
CA ASP A 30 6.61 -6.60 -0.16
C ASP A 30 5.73 -6.93 1.03
N MET A 31 5.47 -5.96 1.90
CA MET A 31 4.53 -6.20 3.00
C MET A 31 3.17 -6.67 2.48
N VAL A 32 2.66 -5.98 1.47
CA VAL A 32 1.33 -6.30 0.97
C VAL A 32 1.32 -7.74 0.49
N GLU A 33 2.31 -8.09 -0.33
CA GLU A 33 2.38 -9.42 -0.94
C GLU A 33 2.51 -10.53 0.10
N LYS A 34 3.34 -10.30 1.11
CA LYS A 34 3.47 -11.27 2.18
C LYS A 34 2.14 -11.41 2.89
N THR A 35 1.51 -10.27 3.18
CA THR A 35 0.19 -10.31 3.77
C THR A 35 -0.81 -11.12 2.92
N ARG A 36 -0.85 -10.86 1.62
CA ARG A 36 -1.67 -11.64 0.72
C ARG A 36 -1.50 -13.13 0.99
N ARG A 37 -0.25 -13.59 1.00
CA ARG A 37 0.07 -15.02 1.14
C ARG A 37 -0.42 -15.54 2.48
N SER A 38 -0.13 -14.76 3.52
CA SER A 38 -0.50 -15.06 4.88
C SER A 38 -2.00 -15.38 4.97
N LEU A 39 -2.83 -14.57 4.32
CA LEU A 39 -4.27 -14.79 4.32
C LEU A 39 -4.62 -16.16 3.76
N THR A 40 -3.86 -16.59 2.76
CA THR A 40 -4.05 -17.90 2.16
C THR A 40 -3.98 -18.99 3.22
N VAL A 41 -3.03 -18.83 4.14
CA VAL A 41 -2.86 -19.74 5.23
C VAL A 41 -3.96 -19.53 6.29
N LEU A 42 -4.21 -18.27 6.62
CA LEU A 42 -5.29 -17.95 7.54
C LEU A 42 -6.62 -18.59 7.13
N ARG A 43 -6.86 -18.64 5.82
CA ARG A 43 -8.10 -19.20 5.29
C ARG A 43 -8.18 -20.69 5.61
N ARG A 44 -7.07 -21.38 5.41
CA ARG A 44 -6.97 -22.78 5.77
C ARG A 44 -7.33 -23.02 7.25
N CYS A 45 -7.02 -22.05 8.11
CA CYS A 45 -7.41 -22.14 9.51
C CYS A 45 -8.92 -21.98 9.70
N GLN A 46 -9.50 -21.04 8.96
CA GLN A 46 -10.94 -20.83 8.98
C GLN A 46 -11.61 -22.11 8.49
N GLU A 47 -11.20 -22.57 7.32
CA GLU A 47 -11.81 -23.76 6.74
C GLU A 47 -11.63 -24.99 7.65
N ALA A 48 -10.49 -25.10 8.32
CA ALA A 48 -10.27 -26.22 9.22
C ALA A 48 -11.27 -26.20 10.39
N ASP A 49 -11.52 -25.02 10.93
CA ASP A 49 -12.53 -24.88 11.96
C ASP A 49 -13.90 -25.37 11.49
N ARG A 50 -14.15 -25.26 10.19
CA ARG A 50 -15.44 -25.66 9.66
C ARG A 50 -15.54 -27.17 9.54
N GLU A 51 -14.45 -27.80 9.11
CA GLU A 51 -14.42 -29.24 9.02
C GLU A 51 -14.65 -29.85 10.42
N GLU A 52 -14.22 -29.11 11.43
CA GLU A 52 -14.30 -29.57 12.80
C GLU A 52 -15.75 -29.46 13.26
N LEU A 53 -16.38 -28.34 12.93
CA LEU A 53 -17.82 -28.20 13.17
C LEU A 53 -18.64 -29.30 12.51
N ASN A 54 -18.32 -29.64 11.27
CA ASN A 54 -19.08 -30.70 10.60
C ASN A 54 -18.90 -31.99 11.36
N TYR A 55 -17.67 -32.23 11.81
CA TYR A 55 -17.38 -33.44 12.59
C TYR A 55 -18.29 -33.52 13.80
N TRP A 56 -18.39 -32.44 14.56
CA TRP A 56 -19.24 -32.44 15.73
C TRP A 56 -20.74 -32.60 15.46
N ILE A 57 -21.27 -31.87 14.46
CA ILE A 57 -22.67 -31.99 14.04
C ILE A 57 -22.93 -33.46 13.74
N ARG A 58 -22.08 -34.01 12.90
CA ARG A 58 -22.15 -35.39 12.52
C ARG A 58 -22.13 -36.22 13.79
N ARG A 59 -21.10 -36.02 14.62
CA ARG A 59 -20.89 -36.82 15.83
C ARG A 59 -22.12 -36.78 16.70
N TYR A 60 -22.69 -35.60 16.82
CA TYR A 60 -23.86 -35.43 17.67
C TYR A 60 -25.01 -36.22 17.08
N SER A 61 -25.29 -35.98 15.80
CA SER A 61 -26.45 -36.63 15.19
C SER A 61 -26.30 -38.15 14.99
N ASP A 62 -25.07 -38.66 15.06
CA ASP A 62 -24.85 -40.11 14.98
C ASP A 62 -24.81 -40.82 16.35
N ALA A 63 -24.85 -40.06 17.44
CA ALA A 63 -25.32 -40.59 18.71
C ALA A 63 -26.76 -40.14 19.04
N GLU A 64 -27.33 -39.27 18.20
CA GLU A 64 -28.47 -38.41 18.57
C GLU A 64 -29.13 -38.75 19.91
N ILE B 5 -26.40 -8.73 12.58
CA ILE B 5 -26.31 -9.39 13.89
C ILE B 5 -25.86 -10.86 13.80
N ASP B 6 -26.35 -11.62 12.83
CA ASP B 6 -25.87 -12.99 12.69
C ASP B 6 -24.68 -13.01 11.74
N HIS B 7 -23.52 -13.27 12.34
CA HIS B 7 -22.24 -13.22 11.64
C HIS B 7 -21.78 -14.58 11.14
N ARG B 8 -22.65 -15.59 11.20
CA ARG B 8 -22.27 -16.86 10.63
C ARG B 8 -22.42 -16.82 9.12
N LEU B 9 -21.30 -16.90 8.41
CA LEU B 9 -21.28 -17.00 6.95
C LEU B 9 -21.45 -18.43 6.49
N THR B 10 -21.88 -18.61 5.25
CA THR B 10 -21.92 -19.92 4.67
C THR B 10 -20.60 -20.14 3.96
N ASP B 11 -20.42 -21.33 3.43
CA ASP B 11 -19.17 -21.68 2.80
C ASP B 11 -18.91 -20.78 1.59
N ARG B 12 -19.93 -20.64 0.75
CA ARG B 12 -19.82 -19.77 -0.41
C ARG B 12 -19.47 -18.36 0.02
N GLU B 13 -20.16 -17.82 1.02
CA GLU B 13 -19.86 -16.45 1.43
C GLU B 13 -18.41 -16.31 1.87
N TRP B 14 -17.94 -17.24 2.70
CA TRP B 14 -16.53 -17.22 3.15
C TRP B 14 -15.60 -17.15 1.95
N ALA B 15 -15.76 -18.09 1.02
CA ALA B 15 -14.95 -18.13 -0.18
C ALA B 15 -14.93 -16.75 -0.87
N GLU B 16 -16.09 -16.09 -0.94
CA GLU B 16 -16.15 -14.77 -1.57
C GLU B 16 -15.29 -13.76 -0.82
N GLU B 17 -15.44 -13.72 0.50
CA GLU B 17 -14.66 -12.81 1.33
C GLU B 17 -13.14 -12.99 1.18
N TRP B 18 -12.67 -14.23 1.19
CA TRP B 18 -11.24 -14.47 1.05
C TRP B 18 -10.79 -13.96 -0.31
N LYS B 19 -11.55 -14.37 -1.32
CA LYS B 19 -11.33 -13.97 -2.70
C LYS B 19 -11.25 -12.45 -2.83
N HIS B 20 -12.21 -11.76 -2.21
CA HIS B 20 -12.24 -10.32 -2.31
C HIS B 20 -11.08 -9.62 -1.57
N LEU B 21 -10.75 -10.09 -0.38
CA LEU B 21 -9.55 -9.62 0.31
C LEU B 21 -8.36 -9.71 -0.61
N ASP B 22 -8.28 -10.81 -1.36
CA ASP B 22 -7.12 -11.06 -2.19
C ASP B 22 -7.07 -10.03 -3.29
N HIS B 23 -8.25 -9.73 -3.85
CA HIS B 23 -8.38 -8.74 -4.91
C HIS B 23 -8.00 -7.35 -4.43
N LEU B 24 -8.55 -6.94 -3.29
CA LEU B 24 -8.20 -5.63 -2.74
C LEU B 24 -6.69 -5.55 -2.65
N LEU B 25 -6.07 -6.55 -2.03
CA LEU B 25 -4.61 -6.53 -1.89
C LEU B 25 -3.92 -6.46 -3.24
N ASN B 26 -4.46 -7.16 -4.24
CA ASN B 26 -3.87 -7.07 -5.57
C ASN B 26 -4.03 -5.69 -6.18
N CYS B 27 -5.23 -5.13 -6.09
CA CYS B 27 -5.44 -3.74 -6.52
C CYS B 27 -4.42 -2.78 -5.89
N ILE B 28 -4.17 -2.94 -4.60
CA ILE B 28 -3.16 -2.13 -3.92
C ILE B 28 -1.78 -2.31 -4.55
N MET B 29 -1.38 -3.56 -4.78
CA MET B 29 -0.07 -3.82 -5.36
C MET B 29 0.05 -3.24 -6.76
N ASP B 30 -1.02 -3.36 -7.52
CA ASP B 30 -1.03 -2.82 -8.87
C ASP B 30 -0.87 -1.31 -8.80
N MET B 31 -1.69 -0.64 -8.01
CA MET B 31 -1.55 0.81 -7.85
C MET B 31 -0.13 1.21 -7.45
N VAL B 32 0.42 0.52 -6.45
CA VAL B 32 1.76 0.84 -6.00
C VAL B 32 2.77 0.68 -7.13
N GLU B 33 2.72 -0.46 -7.81
CA GLU B 33 3.69 -0.78 -8.86
C GLU B 33 3.61 0.18 -10.05
N LYS B 34 2.41 0.64 -10.37
CA LYS B 34 2.26 1.59 -11.45
C LYS B 34 2.81 2.95 -11.05
N THR B 35 2.58 3.31 -9.79
CA THR B 35 3.19 4.51 -9.23
C THR B 35 4.72 4.39 -9.23
N ARG B 36 5.22 3.29 -8.70
CA ARG B 36 6.66 3.05 -8.73
C ARG B 36 7.22 3.30 -10.13
N ARG B 37 6.59 2.70 -11.14
CA ARG B 37 7.03 2.85 -12.52
C ARG B 37 6.96 4.31 -12.98
N SER B 38 5.85 4.96 -12.65
CA SER B 38 5.60 6.33 -13.10
C SER B 38 6.65 7.30 -12.59
N LEU B 39 7.25 6.97 -11.45
CA LEU B 39 8.30 7.81 -10.87
C LEU B 39 9.55 7.77 -11.73
N THR B 40 9.76 6.63 -12.39
CA THR B 40 10.91 6.45 -13.25
C THR B 40 10.91 7.51 -14.34
N VAL B 41 9.72 7.79 -14.84
CA VAL B 41 9.56 8.78 -15.88
C VAL B 41 9.64 10.19 -15.31
N LEU B 42 8.96 10.43 -14.18
CA LEU B 42 9.07 11.71 -13.47
C LEU B 42 10.54 12.11 -13.30
N ARG B 43 11.36 11.14 -12.96
CA ARG B 43 12.78 11.38 -12.73
C ARG B 43 13.44 11.95 -13.97
N ARG B 44 13.08 11.40 -15.12
CA ARG B 44 13.62 11.89 -16.38
C ARG B 44 13.21 13.35 -16.64
N CYS B 45 12.02 13.73 -16.24
CA CYS B 45 11.62 15.12 -16.36
C CYS B 45 12.44 16.04 -15.44
N GLN B 46 12.77 15.56 -14.25
CA GLN B 46 13.61 16.30 -13.32
C GLN B 46 14.99 16.45 -13.97
N GLU B 47 15.52 15.32 -14.42
CA GLU B 47 16.85 15.30 -15.00
C GLU B 47 16.93 16.16 -16.28
N ALA B 48 15.93 16.01 -17.16
CA ALA B 48 15.89 16.85 -18.35
C ALA B 48 15.96 18.34 -18.01
N ASP B 49 15.25 18.76 -16.97
CA ASP B 49 15.32 20.13 -16.52
C ASP B 49 16.74 20.52 -16.08
N ARG B 50 17.48 19.57 -15.56
CA ARG B 50 18.84 19.85 -15.15
C ARG B 50 19.76 20.03 -16.36
N GLU B 51 19.61 19.16 -17.35
CA GLU B 51 20.38 19.28 -18.58
C GLU B 51 20.15 20.67 -19.20
N GLU B 52 18.97 21.23 -18.94
CA GLU B 52 18.56 22.48 -19.50
C GLU B 52 19.28 23.60 -18.77
N LEU B 53 19.29 23.48 -17.44
CA LEU B 53 20.03 24.44 -16.61
C LEU B 53 21.49 24.51 -17.03
N ASN B 54 22.09 23.35 -17.29
CA ASN B 54 23.50 23.31 -17.68
C ASN B 54 23.68 24.03 -18.99
N TYR B 55 22.73 23.78 -19.91
CA TYR B 55 22.77 24.46 -21.20
C TYR B 55 22.83 25.96 -21.00
N TRP B 56 21.96 26.49 -20.16
CA TRP B 56 21.92 27.94 -19.93
C TRP B 56 23.14 28.54 -19.24
N ILE B 57 23.67 27.85 -18.23
CA ILE B 57 24.89 28.30 -17.56
C ILE B 57 25.99 28.32 -18.60
N ARG B 58 26.13 27.21 -19.31
CA ARG B 58 27.14 27.12 -20.35
C ARG B 58 26.91 28.25 -21.36
N ARG B 59 25.65 28.44 -21.78
CA ARG B 59 25.27 29.47 -22.75
C ARG B 59 25.64 30.84 -22.21
N TYR B 60 25.38 31.06 -20.93
CA TYR B 60 25.76 32.29 -20.27
C TYR B 60 27.25 32.51 -20.39
N SER B 61 28.06 31.60 -19.83
CA SER B 61 29.52 31.72 -19.89
C SER B 61 30.08 32.03 -21.28
N ASP B 62 29.53 31.37 -22.31
CA ASP B 62 30.07 31.51 -23.67
C ASP B 62 29.61 32.77 -24.42
N ALA B 63 28.85 33.62 -23.72
CA ALA B 63 28.85 35.05 -24.00
C ALA B 63 28.95 35.76 -22.64
N GLU B 64 30.07 36.42 -22.36
CA GLU B 64 30.24 37.07 -21.05
C GLU B 64 30.42 38.59 -21.17
N ILE C 5 1.70 -29.25 12.57
CA ILE C 5 0.71 -28.52 11.77
C ILE C 5 -0.72 -28.88 12.18
N ASP C 6 -1.29 -28.07 13.05
CA ASP C 6 -2.70 -28.19 13.36
C ASP C 6 -3.34 -26.84 13.00
N HIS C 7 -4.18 -26.85 11.97
CA HIS C 7 -4.86 -25.64 11.53
C HIS C 7 -5.97 -25.18 12.50
N ARG C 8 -6.23 -25.94 13.56
CA ARG C 8 -7.24 -25.52 14.50
C ARG C 8 -6.47 -24.59 15.41
N LEU C 9 -6.66 -23.31 15.19
CA LEU C 9 -6.08 -22.26 16.01
C LEU C 9 -6.89 -22.18 17.28
N THR C 10 -6.34 -21.48 18.26
CA THR C 10 -6.99 -21.35 19.54
C THR C 10 -7.40 -19.90 19.64
N ASP C 11 -8.38 -19.64 20.49
CA ASP C 11 -8.91 -18.29 20.63
C ASP C 11 -7.80 -17.23 20.74
N ARG C 12 -6.86 -17.46 21.67
CA ARG C 12 -5.69 -16.60 21.83
C ARG C 12 -4.87 -16.51 20.53
N GLU C 13 -4.59 -17.64 19.90
CA GLU C 13 -3.86 -17.60 18.64
C GLU C 13 -4.66 -16.80 17.60
N TRP C 14 -5.97 -17.05 17.52
CA TRP C 14 -6.79 -16.34 16.54
C TRP C 14 -6.65 -14.83 16.74
N ALA C 15 -6.82 -14.38 17.97
CA ALA C 15 -6.77 -12.95 18.23
C ALA C 15 -5.41 -12.40 17.85
N GLU C 16 -4.37 -13.20 18.02
CA GLU C 16 -3.04 -12.78 17.65
C GLU C 16 -3.01 -12.49 16.16
N GLU C 17 -3.44 -13.50 15.40
CA GLU C 17 -3.44 -13.43 13.96
C GLU C 17 -4.17 -12.18 13.48
N TRP C 18 -5.35 -11.93 14.05
CA TRP C 18 -6.15 -10.78 13.65
C TRP C 18 -5.42 -9.47 13.96
N LYS C 19 -5.03 -9.31 15.22
CA LYS C 19 -4.31 -8.11 15.64
C LYS C 19 -2.99 -7.95 14.87
N HIS C 20 -2.35 -9.05 14.51
CA HIS C 20 -1.16 -8.92 13.69
C HIS C 20 -1.46 -8.40 12.27
N LEU C 21 -2.52 -8.91 11.64
CA LEU C 21 -3.01 -8.31 10.40
C LEU C 21 -3.22 -6.81 10.57
N ASP C 22 -3.87 -6.42 11.67
CA ASP C 22 -4.13 -5.01 11.86
C ASP C 22 -2.84 -4.25 11.78
N HIS C 23 -1.86 -4.74 12.51
CA HIS C 23 -0.56 -4.11 12.57
C HIS C 23 0.13 -4.01 11.20
N LEU C 24 0.13 -5.10 10.43
CA LEU C 24 0.69 -5.08 9.10
C LEU C 24 0.09 -3.95 8.26
N LEU C 25 -1.23 -3.84 8.30
CA LEU C 25 -1.95 -2.86 7.50
C LEU C 25 -1.63 -1.45 7.98
N ASN C 26 -1.54 -1.28 9.28
CA ASN C 26 -1.18 0.02 9.83
C ASN C 26 0.22 0.44 9.42
N CYS C 27 1.18 -0.49 9.47
CA CYS C 27 2.53 -0.20 8.99
C CYS C 27 2.51 0.28 7.54
N ILE C 28 1.77 -0.45 6.71
CA ILE C 28 1.64 -0.08 5.32
C ILE C 28 1.10 1.34 5.15
N MET C 29 0.03 1.68 5.86
CA MET C 29 -0.48 3.05 5.81
C MET C 29 0.59 4.03 6.26
N ASP C 30 1.29 3.66 7.33
CA ASP C 30 2.25 4.58 7.90
C ASP C 30 3.37 4.82 6.90
N MET C 31 3.77 3.77 6.21
CA MET C 31 4.83 3.91 5.21
C MET C 31 4.33 4.80 4.06
N VAL C 32 3.11 4.55 3.61
CA VAL C 32 2.55 5.30 2.51
C VAL C 32 2.39 6.76 2.89
N GLU C 33 1.93 7.02 4.12
CA GLU C 33 1.70 8.39 4.57
C GLU C 33 3.01 9.16 4.70
N LYS C 34 4.02 8.53 5.28
CA LYS C 34 5.32 9.16 5.36
C LYS C 34 5.87 9.43 3.97
N THR C 35 5.69 8.46 3.08
CA THR C 35 6.09 8.62 1.69
C THR C 35 5.40 9.82 1.00
N ARG C 36 4.09 9.90 1.19
CA ARG C 36 3.27 10.99 0.67
C ARG C 36 3.81 12.36 1.07
N ARG C 37 4.04 12.55 2.37
CA ARG C 37 4.50 13.84 2.88
C ARG C 37 5.84 14.14 2.28
N SER C 38 6.65 13.09 2.16
CA SER C 38 7.99 13.15 1.62
C SER C 38 7.99 13.89 0.29
N LEU C 39 6.99 13.55 -0.54
CA LEU C 39 6.85 14.15 -1.86
C LEU C 39 6.50 15.64 -1.80
N THR C 40 5.86 16.06 -0.72
CA THR C 40 5.65 17.49 -0.50
C THR C 40 6.98 18.22 -0.53
N VAL C 41 8.00 17.62 0.08
CA VAL C 41 9.31 18.25 0.12
C VAL C 41 10.08 18.08 -1.19
N LEU C 42 10.02 16.87 -1.77
CA LEU C 42 10.67 16.61 -3.07
C LEU C 42 10.25 17.62 -4.14
N ARG C 43 8.97 18.00 -4.10
CA ARG C 43 8.40 18.92 -5.05
C ARG C 43 8.96 20.34 -4.85
N ARG C 44 9.13 20.73 -3.59
CA ARG C 44 9.70 22.02 -3.30
C ARG C 44 11.12 22.05 -3.86
N CYS C 45 11.76 20.88 -3.91
CA CYS C 45 13.09 20.76 -4.48
C CYS C 45 13.08 20.97 -6.00
N GLN C 46 12.23 20.20 -6.69
CA GLN C 46 12.01 20.34 -8.12
C GLN C 46 11.76 21.83 -8.42
N GLU C 47 10.87 22.43 -7.64
CA GLU C 47 10.54 23.83 -7.82
C GLU C 47 11.73 24.77 -7.69
N ALA C 48 12.60 24.49 -6.71
CA ALA C 48 13.84 25.24 -6.52
C ALA C 48 14.73 25.19 -7.77
N ASP C 49 14.75 24.01 -8.40
CA ASP C 49 15.45 23.82 -9.65
C ASP C 49 14.94 24.79 -10.73
N ARG C 50 13.61 24.87 -10.87
CA ARG C 50 12.97 25.80 -11.82
C ARG C 50 13.35 27.24 -11.59
N GLU C 51 13.20 27.66 -10.33
CA GLU C 51 13.55 29.01 -9.96
C GLU C 51 14.98 29.29 -10.48
N GLU C 52 15.89 28.34 -10.29
CA GLU C 52 17.25 28.52 -10.76
C GLU C 52 17.41 28.57 -12.27
N LEU C 53 16.73 27.66 -12.97
CA LEU C 53 16.66 27.73 -14.42
C LEU C 53 16.16 29.09 -14.83
N ASN C 54 15.01 29.47 -14.29
CA ASN C 54 14.43 30.75 -14.64
C ASN C 54 15.44 31.84 -14.35
N TYR C 55 16.08 31.73 -13.20
CA TYR C 55 17.10 32.69 -12.78
C TYR C 55 18.13 32.91 -13.88
N TRP C 56 18.71 31.83 -14.38
CA TRP C 56 19.76 31.95 -15.40
C TRP C 56 19.24 32.50 -16.71
N ILE C 57 18.07 32.04 -17.13
CA ILE C 57 17.47 32.55 -18.35
C ILE C 57 17.29 34.07 -18.21
N ARG C 58 16.69 34.51 -17.11
CA ARG C 58 16.59 35.94 -16.81
C ARG C 58 17.97 36.59 -16.77
N ARG C 59 18.93 35.96 -16.09
CA ARG C 59 20.26 36.55 -15.93
C ARG C 59 20.90 36.68 -17.30
N TYR C 60 20.68 35.68 -18.14
CA TYR C 60 21.20 35.69 -19.48
C TYR C 60 20.59 36.77 -20.39
N SER C 61 19.27 36.92 -20.35
CA SER C 61 18.60 37.88 -21.25
C SER C 61 18.70 39.33 -20.79
N ASP C 62 19.06 39.55 -19.52
CA ASP C 62 19.22 40.91 -18.99
C ASP C 62 20.58 41.50 -19.32
N ALA C 63 21.58 40.65 -19.47
CA ALA C 63 22.82 41.06 -20.13
C ALA C 63 22.72 40.51 -21.54
N GLU C 64 22.48 41.41 -22.50
CA GLU C 64 22.11 41.04 -23.86
C GLU C 64 22.87 39.82 -24.40
N ILE D 5 8.23 12.79 -26.17
CA ILE D 5 9.50 13.49 -26.08
C ILE D 5 9.35 14.93 -25.58
N ASP D 6 10.47 15.58 -25.31
CA ASP D 6 10.49 16.76 -24.43
C ASP D 6 10.04 16.43 -23.01
N HIS D 7 10.95 15.81 -22.28
CA HIS D 7 10.82 15.60 -20.84
C HIS D 7 10.75 16.91 -20.05
N ARG D 8 10.86 18.06 -20.72
CA ARG D 8 10.85 19.30 -19.96
C ARG D 8 9.40 19.71 -19.77
N LEU D 9 8.93 19.51 -18.55
CA LEU D 9 7.54 19.78 -18.16
C LEU D 9 7.33 21.26 -18.00
N THR D 10 6.08 21.69 -17.98
CA THR D 10 5.82 23.09 -17.73
C THR D 10 5.39 23.17 -16.29
N ASP D 11 5.27 24.37 -15.76
CA ASP D 11 4.95 24.53 -14.35
C ASP D 11 3.59 23.90 -14.02
N ARG D 12 2.61 24.19 -14.88
CA ARG D 12 1.27 23.60 -14.81
C ARG D 12 1.35 22.07 -14.81
N GLU D 13 2.08 21.51 -15.76
CA GLU D 13 2.19 20.06 -15.85
C GLU D 13 2.88 19.49 -14.60
N TRP D 14 3.95 20.15 -14.14
CA TRP D 14 4.63 19.70 -12.93
C TRP D 14 3.65 19.58 -11.78
N ALA D 15 2.92 20.67 -11.52
CA ALA D 15 2.02 20.67 -10.39
C ALA D 15 0.96 19.60 -10.56
N GLU D 16 0.69 19.24 -11.80
CA GLU D 16 -0.31 18.22 -12.08
C GLU D 16 0.23 16.89 -11.57
N GLU D 17 1.46 16.60 -11.97
CA GLU D 17 2.08 15.34 -11.64
C GLU D 17 2.16 15.14 -10.13
N TRP D 18 2.56 16.19 -9.41
CA TRP D 18 2.69 16.08 -7.96
C TRP D 18 1.32 15.78 -7.36
N LYS D 19 0.36 16.64 -7.69
CA LYS D 19 -1.03 16.48 -7.28
C LYS D 19 -1.55 15.09 -7.61
N HIS D 20 -1.17 14.56 -8.76
CA HIS D 20 -1.63 13.23 -9.11
C HIS D 20 -1.00 12.14 -8.26
N LEU D 21 0.33 12.20 -8.08
CA LEU D 21 0.99 11.33 -7.12
C LEU D 21 0.28 11.36 -5.78
N ASP D 22 0.00 12.57 -5.27
CA ASP D 22 -0.68 12.64 -3.99
C ASP D 22 -1.93 11.81 -4.00
N HIS D 23 -2.75 12.03 -5.02
CA HIS D 23 -4.00 11.32 -5.18
C HIS D 23 -3.83 9.80 -5.21
N LEU D 24 -2.90 9.31 -6.01
CA LEU D 24 -2.62 7.89 -6.04
C LEU D 24 -2.34 7.35 -4.63
N LEU D 25 -1.46 8.03 -3.91
CA LEU D 25 -1.06 7.58 -2.59
C LEU D 25 -2.25 7.58 -1.65
N ASN D 26 -3.17 8.51 -1.87
CA ASN D 26 -4.36 8.55 -1.03
C ASN D 26 -5.33 7.43 -1.38
N CYS D 27 -5.43 7.10 -2.66
CA CYS D 27 -6.30 5.99 -3.04
C CYS D 27 -5.79 4.72 -2.38
N ILE D 28 -4.47 4.60 -2.34
CA ILE D 28 -3.86 3.46 -1.69
C ILE D 28 -4.18 3.41 -0.20
N MET D 29 -3.97 4.51 0.50
CA MET D 29 -4.30 4.53 1.91
C MET D 29 -5.78 4.23 2.13
N ASP D 30 -6.63 4.77 1.26
CA ASP D 30 -8.05 4.57 1.41
C ASP D 30 -8.38 3.09 1.26
N MET D 31 -7.84 2.46 0.22
CA MET D 31 -7.98 1.02 0.04
C MET D 31 -7.58 0.27 1.29
N VAL D 32 -6.37 0.56 1.77
CA VAL D 32 -5.81 -0.15 2.93
C VAL D 32 -6.70 0.03 4.15
N GLU D 33 -7.20 1.24 4.35
CA GLU D 33 -8.05 1.53 5.51
C GLU D 33 -9.41 0.82 5.41
N LYS D 34 -10.03 0.87 4.24
CA LYS D 34 -11.31 0.19 4.07
C LYS D 34 -11.07 -1.29 4.32
N THR D 35 -9.97 -1.80 3.78
CA THR D 35 -9.56 -3.19 3.97
C THR D 35 -9.32 -3.56 5.43
N ARG D 36 -8.49 -2.76 6.11
CA ARG D 36 -8.21 -2.92 7.53
C ARG D 36 -9.48 -3.05 8.33
N ARG D 37 -10.44 -2.19 8.01
CA ARG D 37 -11.65 -2.08 8.79
C ARG D 37 -12.53 -3.30 8.58
N SER D 38 -12.51 -3.83 7.35
CA SER D 38 -13.38 -4.95 7.00
C SER D 38 -12.91 -6.22 7.69
N LEU D 39 -11.63 -6.25 8.07
CA LEU D 39 -11.13 -7.38 8.83
C LEU D 39 -11.71 -7.39 10.25
N THR D 40 -11.98 -6.21 10.79
CA THR D 40 -12.72 -6.13 12.05
C THR D 40 -14.00 -6.96 11.97
N VAL D 41 -14.66 -6.88 10.83
CA VAL D 41 -15.90 -7.61 10.63
C VAL D 41 -15.68 -9.09 10.33
N LEU D 42 -14.74 -9.38 9.42
CA LEU D 42 -14.32 -10.77 9.13
C LEU D 42 -14.01 -11.55 10.42
N ARG D 43 -13.36 -10.86 11.36
CA ARG D 43 -13.02 -11.42 12.66
C ARG D 43 -14.26 -11.88 13.44
N ARG D 44 -15.30 -11.05 13.45
CA ARG D 44 -16.51 -11.39 14.17
C ARG D 44 -17.16 -12.62 13.54
N CYS D 45 -16.90 -12.80 12.25
CA CYS D 45 -17.43 -13.96 11.55
C CYS D 45 -16.72 -15.23 11.97
N GLN D 46 -15.39 -15.20 11.93
CA GLN D 46 -14.55 -16.28 12.44
C GLN D 46 -15.06 -16.58 13.87
N GLU D 47 -15.16 -15.53 14.67
CA GLU D 47 -15.60 -15.67 16.06
C GLU D 47 -16.96 -16.36 16.22
N ALA D 48 -17.92 -15.93 15.41
CA ALA D 48 -19.25 -16.53 15.37
C ALA D 48 -19.20 -18.01 15.04
N ASP D 49 -18.28 -18.35 14.13
CA ASP D 49 -18.03 -19.74 13.77
C ASP D 49 -17.62 -20.53 15.00
N ARG D 50 -16.67 -19.98 15.76
CA ARG D 50 -16.17 -20.66 16.95
C ARG D 50 -17.24 -20.83 18.05
N GLU D 51 -18.05 -19.80 18.29
CA GLU D 51 -19.15 -19.96 19.24
C GLU D 51 -20.02 -21.15 18.84
N GLU D 52 -20.29 -21.32 17.54
CA GLU D 52 -21.10 -22.45 17.10
C GLU D 52 -20.43 -23.80 17.32
N LEU D 53 -19.14 -23.89 17.01
CA LEU D 53 -18.37 -25.08 17.34
C LEU D 53 -18.54 -25.37 18.82
N ASN D 54 -18.21 -24.37 19.64
CA ASN D 54 -18.31 -24.55 21.08
C ASN D 54 -19.70 -24.99 21.45
N TYR D 55 -20.67 -24.35 20.80
CA TYR D 55 -22.09 -24.66 21.03
C TYR D 55 -22.40 -26.15 20.91
N TRP D 56 -21.96 -26.75 19.80
CA TRP D 56 -22.23 -28.17 19.55
C TRP D 56 -21.42 -29.06 20.45
N ILE D 57 -20.15 -28.72 20.66
CA ILE D 57 -19.32 -29.53 21.54
C ILE D 57 -20.05 -29.61 22.88
N ARG D 58 -20.46 -28.45 23.38
CA ARG D 58 -21.20 -28.37 24.64
C ARG D 58 -22.59 -29.02 24.52
N ARG D 59 -23.25 -28.87 23.38
CA ARG D 59 -24.57 -29.48 23.23
C ARG D 59 -24.39 -30.99 23.22
N TYR D 60 -23.27 -31.43 22.68
CA TYR D 60 -22.97 -32.85 22.60
C TYR D 60 -22.60 -33.47 23.94
N SER D 61 -21.95 -32.73 24.83
CA SER D 61 -21.58 -33.30 26.13
C SER D 61 -22.65 -33.20 27.23
N ASP D 62 -23.72 -32.45 26.97
CA ASP D 62 -24.88 -32.41 27.88
C ASP D 62 -25.85 -33.57 27.63
N ALA D 63 -26.04 -33.91 26.37
CA ALA D 63 -26.72 -35.14 26.01
C ALA D 63 -25.66 -36.11 25.54
N GLU D 64 -25.35 -37.10 26.38
CA GLU D 64 -24.17 -37.96 26.19
C GLU D 64 -24.49 -39.29 25.52
N VAL E 11 1.40 -25.17 15.21
CA VAL E 11 0.78 -24.13 14.38
C VAL E 11 1.36 -24.18 12.97
N PRO E 12 0.61 -23.70 11.96
CA PRO E 12 1.16 -23.83 10.61
C PRO E 12 2.11 -22.70 10.24
N PRO E 13 2.82 -22.86 9.12
CA PRO E 13 4.01 -22.03 8.86
C PRO E 13 3.76 -20.54 8.56
N GLY E 14 2.79 -20.24 7.70
CA GLY E 14 2.77 -18.95 7.03
C GLY E 14 1.81 -17.86 7.50
N LEU E 15 1.39 -17.92 8.76
CA LEU E 15 0.32 -17.06 9.27
C LEU E 15 0.64 -15.57 9.15
N PRO E 16 -0.39 -14.71 9.29
CA PRO E 16 -0.13 -13.26 9.31
C PRO E 16 0.97 -12.87 10.30
N SER E 17 1.01 -13.45 11.50
CA SER E 17 2.19 -13.24 12.33
C SER E 17 3.21 -14.10 11.62
N SER E 18 4.47 -14.03 12.01
CA SER E 18 5.53 -14.58 11.16
C SER E 18 5.99 -13.62 10.04
N VAL E 19 5.29 -12.52 9.85
CA VAL E 19 5.63 -11.61 8.77
C VAL E 19 6.66 -10.58 9.28
N TYR E 20 7.07 -10.75 10.53
CA TYR E 20 8.07 -9.89 11.15
C TYR E 20 7.64 -8.41 11.13
N ALA E 21 8.38 -7.57 10.42
CA ALA E 21 8.05 -6.16 10.33
C ALA E 21 8.29 -5.42 11.65
N VAL F 11 -27.28 -9.86 6.92
CA VAL F 11 -25.88 -9.99 6.49
C VAL F 11 -24.99 -8.82 6.95
N PRO F 12 -23.82 -9.13 7.53
CA PRO F 12 -23.06 -8.13 8.30
C PRO F 12 -22.46 -7.02 7.42
N PRO F 13 -22.67 -5.78 7.85
CA PRO F 13 -22.40 -4.63 6.98
C PRO F 13 -20.97 -4.46 6.49
N GLY F 14 -20.00 -4.50 7.40
CA GLY F 14 -18.72 -3.88 7.12
C GLY F 14 -17.59 -4.62 6.42
N LEU F 15 -17.87 -5.65 5.62
CA LEU F 15 -16.89 -6.72 5.43
C LEU F 15 -16.23 -6.75 4.06
N PRO F 16 -15.11 -7.49 3.90
CA PRO F 16 -14.20 -7.33 2.75
C PRO F 16 -14.85 -7.16 1.36
N SER F 17 -15.93 -7.86 1.05
CA SER F 17 -16.68 -7.48 -0.16
C SER F 17 -17.43 -6.27 0.36
N SER F 18 -18.10 -5.50 -0.47
CA SER F 18 -18.61 -4.23 0.06
C SER F 18 -17.57 -3.09 0.06
N VAL F 19 -16.30 -3.44 -0.11
CA VAL F 19 -15.25 -2.45 -0.29
C VAL F 19 -15.09 -2.30 -1.80
N TYR F 20 -15.50 -1.17 -2.35
CA TYR F 20 -15.50 -1.01 -3.79
C TYR F 20 -14.11 -1.18 -4.41
N ALA F 21 -14.03 -2.06 -5.40
CA ALA F 21 -12.78 -2.34 -6.12
C ALA F 21 -12.72 -1.63 -7.47
N VAL G 11 20.34 20.99 4.70
CA VAL G 11 19.64 19.91 4.00
C VAL G 11 18.15 19.94 4.35
N PRO G 12 17.28 19.89 3.33
CA PRO G 12 15.86 20.11 3.65
C PRO G 12 15.26 18.94 4.42
N PRO G 13 14.59 19.25 5.53
CA PRO G 13 14.05 18.17 6.35
C PRO G 13 12.82 17.53 5.71
N GLY G 14 12.74 16.20 5.80
CA GLY G 14 11.52 15.49 5.44
C GLY G 14 11.53 14.82 4.08
N LEU G 15 12.70 14.73 3.45
CA LEU G 15 12.79 14.19 2.08
C LEU G 15 12.37 12.72 1.98
N PRO G 16 12.39 12.14 0.77
CA PRO G 16 12.14 10.71 0.63
C PRO G 16 13.10 9.86 1.45
N SER G 17 14.40 10.14 1.42
CA SER G 17 15.30 9.49 2.36
C SER G 17 14.79 10.11 3.62
N SER G 18 15.32 9.77 4.79
CA SER G 18 14.72 10.35 5.99
C SER G 18 13.45 9.63 6.46
N VAL G 19 12.96 8.70 5.64
CA VAL G 19 11.79 7.90 6.00
C VAL G 19 12.22 6.59 6.69
N TYR G 20 13.53 6.37 6.78
CA TYR G 20 14.08 5.16 7.38
C TYR G 20 13.72 3.88 6.61
N ALA G 21 13.03 2.95 7.26
CA ALA G 21 12.70 1.65 6.67
C ALA G 21 13.86 0.66 6.72
N LYS H 10 3.55 15.81 -26.80
CA LYS H 10 4.92 15.33 -26.71
C LYS H 10 5.24 14.81 -25.30
N VAL H 11 4.37 15.12 -24.33
CA VAL H 11 4.54 14.69 -22.91
C VAL H 11 4.78 13.18 -22.73
N PRO H 12 5.89 12.84 -22.07
CA PRO H 12 6.44 11.48 -21.90
C PRO H 12 5.39 10.49 -21.40
N PRO H 13 5.30 9.33 -22.05
CA PRO H 13 4.06 8.63 -21.73
C PRO H 13 3.86 8.21 -20.26
N GLY H 14 4.75 7.40 -19.68
CA GLY H 14 4.46 6.90 -18.34
C GLY H 14 4.58 8.00 -17.31
N LEU H 15 3.51 8.34 -16.61
CA LEU H 15 3.63 9.48 -15.71
C LEU H 15 2.67 9.35 -14.52
N PRO H 16 2.98 10.02 -13.42
CA PRO H 16 2.06 9.86 -12.29
C PRO H 16 0.63 10.13 -12.77
N SER H 17 0.44 11.24 -13.49
CA SER H 17 -0.79 11.47 -14.21
C SER H 17 -0.80 10.37 -15.24
N SER H 18 -1.97 9.85 -15.60
CA SER H 18 -2.03 8.66 -16.46
C SER H 18 -1.97 7.31 -15.74
N VAL H 19 -1.99 7.32 -14.41
CA VAL H 19 -2.28 6.11 -13.65
C VAL H 19 -3.74 6.21 -13.15
N TYR H 20 -4.50 5.12 -13.31
CA TYR H 20 -5.94 5.08 -13.00
C TYR H 20 -6.34 5.50 -11.58
N ALA H 21 -7.30 6.44 -11.48
CA ALA H 21 -7.84 6.88 -10.19
C ALA H 21 -9.14 6.15 -9.82
#